data_6FDK
#
_entry.id   6FDK
#
_cell.length_a   47.815
_cell.length_b   56.937
_cell.length_c   60.695
_cell.angle_alpha   90.00
_cell.angle_beta   104.86
_cell.angle_gamma   90.00
#
_symmetry.space_group_name_H-M   'P 1 21 1'
#
loop_
_entity.id
_entity.type
_entity.pdbx_description
1 polymer 'Deubiquitinase and deneddylase Dub1'
2 polymer Polyubiquitin-B
3 non-polymer 'CHLORIDE ION'
4 non-polymer prop-2-en-1-amine
5 water water
#
loop_
_entity_poly.entity_id
_entity_poly.type
_entity_poly.pdbx_seq_one_letter_code
_entity_poly.pdbx_strand_id
1 'polypeptide(L)'
;MKHHHHHHSAGLEVLFQGPRRQTIEALVPAWDSDIIFKALCYFHTLYPGLIPLETFPPATIFNFKQKIISILEDKKAVLR
GEPIKGPLPISCSKENYRRHLQRTTLLPVFMWYHPTPKTLSDTMQTMKQLAIKGSVGASHWLLVIVDIQARRLVYFDSLY
NYVMPPENMKKELQSFAQQLDQVYPAYDSKKFSVKIAAKEVIQRGSGSSCGAWCCQFLHWYLKDPLTDALNDLPVDSVER
HENLASFVQAAEAAVQDLPELSWPEA
;
A
2 'polypeptide(L)' MQIFVKTLTGKTITLEVEPSDTIENVKAKIQDKEGIPPDQQRLIFAGKQLEDGRTLSDYNIQKESTLHLVLRLRG B
#
loop_
_chem_comp.id
_chem_comp.type
_chem_comp.name
_chem_comp.formula
AYE non-polymer prop-2-en-1-amine 'C3 H7 N'
CL non-polymer 'CHLORIDE ION' 'Cl -1'
#
# COMPACT_ATOMS: atom_id res chain seq x y z
N GLU A 25 28.30 -3.58 5.90
CA GLU A 25 27.41 -2.66 5.09
C GLU A 25 25.95 -2.75 5.59
N ALA A 26 25.77 -2.26 6.82
CA ALA A 26 24.50 -2.31 7.50
C ALA A 26 23.62 -1.10 7.13
N LEU A 27 23.25 -0.95 5.86
CA LEU A 27 22.33 0.25 5.54
C LEU A 27 20.84 -0.11 5.58
N VAL A 28 20.02 0.78 6.12
CA VAL A 28 18.54 0.66 5.97
C VAL A 28 18.05 1.87 5.21
N PRO A 29 17.85 1.77 3.86
CA PRO A 29 17.41 2.96 3.18
C PRO A 29 15.88 3.16 3.42
N ALA A 30 15.41 4.39 3.18
CA ALA A 30 13.95 4.74 3.26
C ALA A 30 13.20 3.96 2.20
N TRP A 31 12.41 2.97 2.58
CA TRP A 31 11.68 2.11 1.70
C TRP A 31 10.54 2.86 1.04
N ASP A 32 10.38 2.70 -0.29
CA ASP A 32 9.28 3.36 -1.04
C ASP A 32 8.08 2.48 -1.25
N SER A 33 7.03 3.05 -1.89
CA SER A 33 5.78 2.33 -2.12
C SER A 33 6.00 1.00 -2.94
N ASP A 34 6.96 1.00 -3.88
CA ASP A 34 7.20 -0.10 -4.77
C ASP A 34 7.80 -1.32 -4.01
N ILE A 35 8.85 -1.08 -3.20
CA ILE A 35 9.48 -2.23 -2.49
C ILE A 35 8.51 -2.78 -1.44
N ILE A 36 7.75 -1.87 -0.80
CA ILE A 36 6.70 -2.32 0.19
C ILE A 36 5.69 -3.20 -0.51
N PHE A 37 5.23 -2.79 -1.68
CA PHE A 37 4.26 -3.65 -2.46
C PHE A 37 4.87 -5.06 -2.81
N LYS A 38 6.16 -5.00 -3.32
CA LYS A 38 6.79 -6.28 -3.70
C LYS A 38 6.86 -7.18 -2.41
N ALA A 39 7.23 -6.56 -1.24
CA ALA A 39 7.30 -7.40 -0.01
C ALA A 39 5.90 -8.08 0.28
N LEU A 40 4.84 -7.31 0.16
CA LEU A 40 3.42 -7.84 0.27
C LEU A 40 3.13 -8.95 -0.67
N CYS A 41 3.47 -8.80 -1.98
CA CYS A 41 3.30 -9.85 -2.91
C CYS A 41 4.01 -11.11 -2.49
N TYR A 42 5.25 -10.97 -2.06
CA TYR A 42 6.04 -12.12 -1.54
C TYR A 42 5.42 -12.75 -0.30
N PHE A 43 5.01 -11.91 0.66
CA PHE A 43 4.36 -12.43 1.86
C PHE A 43 3.04 -13.19 1.54
N HIS A 44 2.31 -12.83 0.51
CA HIS A 44 1.10 -13.61 0.08
C HIS A 44 1.46 -15.05 -0.34
N THR A 45 2.59 -15.18 -1.05
CA THR A 45 3.07 -16.52 -1.54
C THR A 45 3.35 -17.36 -0.33
N LEU A 46 3.86 -16.82 0.78
CA LEU A 46 4.09 -17.56 1.98
C LEU A 46 2.86 -17.81 2.90
N TYR A 47 1.95 -16.86 2.92
CA TYR A 47 0.69 -16.87 3.77
C TYR A 47 -0.48 -16.44 2.84
N PRO A 48 -1.16 -17.32 2.17
CA PRO A 48 -2.11 -16.93 1.14
C PRO A 48 -3.30 -16.15 1.67
N GLY A 49 -3.54 -16.12 3.01
CA GLY A 49 -4.60 -15.32 3.55
C GLY A 49 -4.30 -13.84 3.46
N LEU A 50 -3.05 -13.44 3.28
CA LEU A 50 -2.72 -11.98 3.13
C LEU A 50 -3.06 -11.51 1.70
N ILE A 51 -3.83 -10.41 1.61
CA ILE A 51 -4.18 -9.79 0.31
C ILE A 51 -3.17 -8.62 0.14
N PRO A 52 -2.45 -8.57 -1.03
CA PRO A 52 -1.36 -7.51 -1.23
C PRO A 52 -1.93 -6.26 -1.75
N LEU A 53 -2.54 -5.49 -0.84
CA LEU A 53 -3.20 -4.28 -1.22
C LEU A 53 -2.18 -3.24 -1.79
N GLU A 54 -2.58 -2.50 -2.82
CA GLU A 54 -1.67 -1.68 -3.53
C GLU A 54 -1.37 -0.44 -2.60
N THR A 55 -0.20 0.12 -2.92
CA THR A 55 0.44 1.28 -2.17
C THR A 55 0.67 2.46 -3.09
N PHE A 56 -0.05 2.60 -4.17
CA PHE A 56 0.13 3.60 -5.20
C PHE A 56 -1.25 4.06 -5.70
N PRO A 57 -2.03 4.82 -4.88
CA PRO A 57 -1.67 5.38 -3.57
C PRO A 57 -2.02 4.43 -2.42
N PRO A 58 -1.30 4.53 -1.28
CA PRO A 58 -1.71 3.87 -0.02
C PRO A 58 -2.84 4.68 0.63
N ALA A 59 -3.46 4.14 1.66
CA ALA A 59 -4.33 4.89 2.53
C ALA A 59 -3.61 6.01 3.28
N THR A 60 -4.42 6.86 3.87
CA THR A 60 -4.03 7.91 4.77
C THR A 60 -4.71 7.76 6.13
N ILE A 61 -4.37 8.62 7.09
CA ILE A 61 -5.01 8.60 8.46
C ILE A 61 -6.47 9.09 8.30
N PHE A 62 -6.80 9.76 7.19
CA PHE A 62 -8.16 10.34 6.96
C PHE A 62 -9.12 9.47 6.13
N ASN A 63 -8.65 8.38 5.51
CA ASN A 63 -9.50 7.45 4.83
C ASN A 63 -9.28 5.94 5.02
N PHE A 64 -8.45 5.60 6.00
CA PHE A 64 -8.20 4.10 6.19
C PHE A 64 -9.44 3.36 6.60
N LYS A 65 -10.31 4.01 7.33
CA LYS A 65 -11.54 3.32 7.77
C LYS A 65 -12.47 3.06 6.60
N GLN A 66 -12.63 4.08 5.70
CA GLN A 66 -13.40 3.93 4.52
C GLN A 66 -12.88 2.90 3.57
N LYS A 67 -11.56 2.79 3.39
CA LYS A 67 -10.95 1.85 2.53
C LYS A 67 -11.23 0.39 3.00
N ILE A 68 -11.07 0.20 4.34
CA ILE A 68 -11.30 -1.13 4.96
C ILE A 68 -12.76 -1.48 4.81
N ILE A 69 -13.71 -0.56 5.03
CA ILE A 69 -15.14 -0.88 4.88
C ILE A 69 -15.48 -1.26 3.44
N SER A 70 -14.93 -0.51 2.43
CA SER A 70 -15.12 -0.87 1.06
C SER A 70 -14.63 -2.27 0.64
N ILE A 71 -13.44 -2.70 1.13
CA ILE A 71 -12.91 -4.00 0.94
C ILE A 71 -13.81 -5.09 1.58
N LEU A 72 -14.25 -4.87 2.79
CA LEU A 72 -15.04 -5.91 3.50
C LEU A 72 -16.40 -6.07 2.82
N GLU A 73 -17.00 -4.95 2.41
CA GLU A 73 -18.27 -5.04 1.60
C GLU A 73 -18.14 -5.85 0.33
N ASP A 74 -17.02 -5.70 -0.43
CA ASP A 74 -16.74 -6.47 -1.62
C ASP A 74 -16.53 -7.93 -1.29
N LYS A 75 -15.88 -8.17 -0.12
CA LYS A 75 -15.60 -9.67 0.26
C LYS A 75 -17.01 -10.30 0.51
N LYS A 76 -17.90 -9.55 1.19
CA LYS A 76 -19.27 -10.10 1.46
C LYS A 76 -20.02 -10.38 0.11
N ALA A 77 -19.90 -9.46 -0.82
CA ALA A 77 -20.50 -9.64 -2.13
C ALA A 77 -19.95 -10.87 -2.82
N VAL A 78 -18.60 -11.12 -2.78
CA VAL A 78 -18.01 -12.31 -3.43
C VAL A 78 -18.51 -13.54 -2.72
N LEU A 79 -18.64 -13.51 -1.40
CA LEU A 79 -19.16 -14.71 -0.73
C LEU A 79 -20.61 -15.05 -1.09
N ARG A 80 -21.46 -14.07 -1.42
CA ARG A 80 -22.83 -14.25 -1.87
C ARG A 80 -22.95 -14.56 -3.34
N GLY A 81 -21.83 -14.48 -4.08
CA GLY A 81 -21.83 -14.65 -5.55
C GLY A 81 -22.32 -13.48 -6.35
N GLU A 82 -22.20 -12.29 -5.83
CA GLU A 82 -22.70 -11.04 -6.46
C GLU A 82 -21.59 -10.25 -7.11
N PRO A 83 -21.94 -9.29 -7.94
CA PRO A 83 -20.86 -8.33 -8.44
C PRO A 83 -20.20 -7.53 -7.36
N ILE A 84 -18.94 -7.05 -7.59
CA ILE A 84 -18.15 -6.14 -6.71
CA ILE A 84 -18.30 -6.13 -6.64
C ILE A 84 -18.45 -4.72 -7.15
N LYS A 85 -18.38 -3.81 -6.22
CA LYS A 85 -18.56 -2.35 -6.51
C LYS A 85 -17.26 -1.59 -6.66
N GLY A 86 -16.11 -2.17 -6.26
CA GLY A 86 -14.84 -1.56 -6.54
C GLY A 86 -14.61 -0.60 -5.39
N PRO A 87 -13.61 0.20 -5.45
CA PRO A 87 -12.68 0.33 -6.61
C PRO A 87 -11.73 -0.94 -6.82
N LEU A 88 -11.37 -1.17 -8.10
CA LEU A 88 -10.55 -2.32 -8.45
C LEU A 88 -9.02 -1.93 -8.37
N PRO A 89 -8.11 -2.84 -8.01
CA PRO A 89 -6.69 -2.60 -8.19
C PRO A 89 -6.26 -2.38 -9.63
N ILE A 90 -5.15 -1.70 -9.87
CA ILE A 90 -4.77 -1.47 -11.24
C ILE A 90 -3.81 -2.51 -11.85
N SER A 91 -3.12 -3.34 -11.00
CA SER A 91 -2.11 -4.27 -11.48
C SER A 91 -2.55 -5.73 -11.30
N CYS A 92 -3.88 -5.98 -11.22
CA CYS A 92 -4.48 -7.32 -10.89
C CYS A 92 -5.63 -7.43 -11.96
N SER A 93 -5.90 -8.61 -12.47
CA SER A 93 -7.14 -8.82 -13.33
C SER A 93 -8.34 -8.74 -12.33
N LYS A 94 -9.51 -8.38 -12.88
CA LYS A 94 -10.71 -8.34 -12.02
C LYS A 94 -11.03 -9.72 -11.47
N GLU A 95 -10.90 -10.76 -12.32
CA GLU A 95 -11.18 -12.11 -11.76
C GLU A 95 -10.17 -12.58 -10.68
N ASN A 96 -8.92 -12.29 -10.84
CA ASN A 96 -7.93 -12.60 -9.72
C ASN A 96 -8.25 -11.84 -8.44
N TYR A 97 -8.67 -10.56 -8.60
CA TYR A 97 -9.04 -9.78 -7.38
C TYR A 97 -10.22 -10.44 -6.71
N ARG A 98 -11.22 -10.85 -7.48
CA ARG A 98 -12.37 -11.64 -6.84
C ARG A 98 -11.86 -12.89 -6.10
N ARG A 99 -10.92 -13.65 -6.69
CA ARG A 99 -10.36 -14.80 -5.98
C ARG A 99 -9.60 -14.45 -4.70
N HIS A 100 -8.86 -13.31 -4.70
CA HIS A 100 -8.22 -12.87 -3.46
C HIS A 100 -9.23 -12.39 -2.35
N LEU A 101 -10.31 -11.72 -2.75
CA LEU A 101 -11.33 -11.31 -1.78
C LEU A 101 -11.99 -12.60 -1.19
N GLN A 102 -12.25 -13.66 -1.98
CA GLN A 102 -12.77 -14.96 -1.46
CA GLN A 102 -12.74 -14.95 -1.43
C GLN A 102 -11.75 -15.54 -0.38
N ARG A 103 -10.45 -15.54 -0.70
CA ARG A 103 -9.39 -16.15 0.15
CA ARG A 103 -9.38 -16.18 0.12
C ARG A 103 -9.04 -15.41 1.38
N THR A 104 -9.08 -14.07 1.32
CA THR A 104 -8.31 -13.34 2.31
C THR A 104 -8.79 -13.41 3.74
N THR A 105 -7.86 -13.50 4.63
CA THR A 105 -8.08 -13.46 6.08
C THR A 105 -7.41 -12.33 6.81
N LEU A 106 -6.67 -11.48 6.07
CA LEU A 106 -5.82 -10.47 6.73
C LEU A 106 -5.59 -9.29 5.75
N LEU A 107 -5.90 -8.06 6.13
CA LEU A 107 -5.70 -6.87 5.31
C LEU A 107 -4.51 -6.11 5.85
N PRO A 108 -3.44 -5.91 4.98
CA PRO A 108 -2.22 -5.13 5.39
C PRO A 108 -2.38 -3.68 4.92
N VAL A 109 -2.96 -2.86 5.79
CA VAL A 109 -3.37 -1.44 5.38
C VAL A 109 -2.22 -0.52 5.77
N PHE A 110 -1.28 -0.36 4.81
CA PHE A 110 -0.27 0.76 4.85
C PHE A 110 -0.90 2.10 4.69
N MET A 111 -0.38 3.02 5.57
CA MET A 111 -0.88 4.39 5.60
C MET A 111 0.32 5.33 5.48
N TRP A 112 0.19 6.32 4.56
CA TRP A 112 1.26 7.37 4.48
C TRP A 112 0.77 8.64 5.19
N TYR A 113 1.65 9.15 6.03
CA TYR A 113 1.34 10.32 6.93
C TYR A 113 2.37 11.46 6.82
N HIS A 114 1.89 12.69 6.86
CA HIS A 114 2.74 13.86 6.93
C HIS A 114 2.10 14.79 7.98
N PRO A 115 2.89 15.43 8.86
CA PRO A 115 2.28 16.31 9.95
C PRO A 115 1.67 17.61 9.44
N THR A 116 1.92 18.06 8.21
CA THR A 116 1.38 19.37 7.78
C THR A 116 -0.10 19.36 7.25
N PRO A 117 -0.42 18.54 6.26
CA PRO A 117 -1.84 18.46 5.82
C PRO A 117 -2.85 17.92 6.84
N LYS A 118 -4.07 18.58 6.86
CA LYS A 118 -5.06 18.23 7.83
C LYS A 118 -6.39 17.77 7.30
N THR A 119 -6.45 17.52 6.03
CA THR A 119 -7.59 16.81 5.36
C THR A 119 -7.08 15.76 4.42
N LEU A 120 -8.01 14.90 3.97
CA LEU A 120 -7.69 13.87 2.95
C LEU A 120 -7.15 14.52 1.70
N SER A 121 -7.86 15.56 1.21
CA SER A 121 -7.54 16.11 -0.09
C SER A 121 -6.17 16.85 0.02
N ASP A 122 -5.94 17.57 1.12
CA ASP A 122 -4.63 18.20 1.33
C ASP A 122 -3.46 17.13 1.51
N THR A 123 -3.74 15.97 2.10
CA THR A 123 -2.73 14.97 2.25
C THR A 123 -2.39 14.37 0.87
N MET A 124 -3.41 14.13 0.00
CA MET A 124 -3.14 13.69 -1.39
C MET A 124 -2.30 14.67 -2.24
N GLN A 125 -2.54 15.97 -2.10
CA GLN A 125 -1.66 16.96 -2.73
C GLN A 125 -0.18 16.98 -2.22
N THR A 126 -0.01 16.79 -0.91
CA THR A 126 1.31 16.73 -0.28
C THR A 126 2.05 15.45 -0.76
N MET A 127 1.30 14.33 -0.86
CA MET A 127 1.89 13.08 -1.33
C MET A 127 2.41 13.21 -2.79
N LYS A 128 1.64 13.83 -3.66
CA LYS A 128 2.06 14.05 -5.08
C LYS A 128 3.33 14.96 -5.17
N GLN A 129 3.32 16.04 -4.40
CA GLN A 129 4.42 16.99 -4.39
C GLN A 129 5.70 16.30 -3.92
N LEU A 130 5.63 15.49 -2.84
CA LEU A 130 6.85 14.83 -2.38
C LEU A 130 7.26 13.68 -3.34
N ALA A 131 6.32 12.93 -3.89
CA ALA A 131 6.61 11.91 -4.92
C ALA A 131 7.40 12.42 -6.10
N ILE A 132 6.94 13.55 -6.64
CA ILE A 132 7.63 14.22 -7.76
C ILE A 132 8.98 14.76 -7.32
N LYS A 133 9.11 15.37 -6.16
CA LYS A 133 10.49 15.78 -5.69
C LYS A 133 11.43 14.68 -5.38
N GLY A 134 10.95 13.49 -5.05
CA GLY A 134 11.81 12.44 -4.54
C GLY A 134 12.24 12.56 -3.14
N SER A 135 11.56 13.37 -2.31
CA SER A 135 11.95 13.65 -0.90
C SER A 135 11.12 12.85 0.12
N VAL A 136 11.81 12.44 1.15
CA VAL A 136 11.22 11.81 2.36
C VAL A 136 10.65 12.96 3.24
N GLY A 137 11.46 13.99 3.51
CA GLY A 137 10.97 15.03 4.45
C GLY A 137 10.50 14.50 5.83
N ALA A 138 9.35 15.01 6.29
CA ALA A 138 8.73 14.63 7.52
C ALA A 138 7.67 13.53 7.35
N SER A 139 7.62 12.86 6.17
CA SER A 139 6.63 11.78 5.92
C SER A 139 6.99 10.45 6.65
N HIS A 140 5.94 9.67 6.98
CA HIS A 140 6.08 8.45 7.78
C HIS A 140 5.13 7.37 7.28
N TRP A 141 5.58 6.11 7.42
CA TRP A 141 4.73 4.94 7.05
C TRP A 141 4.20 4.32 8.38
N LEU A 142 2.88 4.20 8.47
CA LEU A 142 2.20 3.49 9.53
C LEU A 142 1.55 2.22 8.96
N LEU A 143 1.21 1.24 9.86
CA LEU A 143 0.50 0.04 9.43
C LEU A 143 -0.71 -0.24 10.29
N VAL A 144 -1.89 -0.46 9.70
CA VAL A 144 -3.04 -1.08 10.41
C VAL A 144 -3.27 -2.49 9.79
N ILE A 145 -3.20 -3.47 10.67
CA ILE A 145 -3.52 -4.92 10.25
C ILE A 145 -4.97 -5.17 10.67
N VAL A 146 -5.79 -5.60 9.70
CA VAL A 146 -7.11 -6.10 9.96
C VAL A 146 -7.05 -7.61 9.93
N ASP A 147 -7.05 -8.25 11.13
CA ASP A 147 -7.01 -9.72 11.20
C ASP A 147 -8.51 -10.16 11.23
N ILE A 148 -9.00 -10.68 10.10
CA ILE A 148 -10.42 -11.05 9.92
C ILE A 148 -10.68 -12.32 10.77
N GLN A 149 -9.72 -13.25 10.78
CA GLN A 149 -9.89 -14.55 11.50
C GLN A 149 -9.96 -14.32 13.04
N ALA A 150 -9.06 -13.47 13.58
CA ALA A 150 -9.00 -13.20 15.00
C ALA A 150 -9.98 -12.10 15.40
N ARG A 151 -10.59 -11.38 14.41
CA ARG A 151 -11.30 -10.15 14.63
C ARG A 151 -10.47 -9.09 15.48
N ARG A 152 -9.24 -8.76 14.99
CA ARG A 152 -8.35 -7.92 15.75
C ARG A 152 -7.92 -6.77 14.82
N LEU A 153 -7.99 -5.51 15.26
CA LEU A 153 -7.30 -4.38 14.60
C LEU A 153 -5.99 -4.09 15.30
N VAL A 154 -4.88 -4.12 14.57
CA VAL A 154 -3.55 -3.88 15.19
C VAL A 154 -2.89 -2.59 14.61
N TYR A 155 -2.57 -1.62 15.46
CA TYR A 155 -1.98 -0.37 14.91
C TYR A 155 -0.49 -0.37 15.28
N PHE A 156 0.37 -0.27 14.26
CA PHE A 156 1.83 -0.17 14.44
C PHE A 156 2.42 1.15 13.95
N ASP A 157 2.92 1.95 14.95
CA ASP A 157 3.63 3.25 14.72
C ASP A 157 5.07 2.97 15.29
N SER A 158 6.07 2.83 14.40
CA SER A 158 7.46 2.59 14.87
C SER A 158 7.97 3.75 15.74
N LEU A 159 7.42 4.95 15.62
CA LEU A 159 7.76 6.14 16.32
C LEU A 159 6.90 6.39 17.56
N TYR A 160 5.99 5.44 17.85
CA TYR A 160 5.14 5.38 19.08
C TYR A 160 4.00 6.42 19.15
N ASN A 161 4.29 7.70 18.94
CA ASN A 161 3.29 8.71 19.05
C ASN A 161 3.44 9.83 17.99
N TYR A 162 3.89 9.40 16.84
CA TYR A 162 4.12 10.38 15.77
C TYR A 162 2.85 11.13 15.34
N VAL A 163 1.71 10.46 15.30
CA VAL A 163 0.41 11.06 14.84
C VAL A 163 -0.30 11.71 16.04
N MET A 164 -0.47 10.94 17.09
CA MET A 164 -1.14 11.32 18.33
C MET A 164 -0.78 10.42 19.47
N PRO A 165 -1.19 10.77 20.72
CA PRO A 165 -0.84 9.83 21.78
C PRO A 165 -1.55 8.46 21.57
N PRO A 166 -0.93 7.38 21.98
CA PRO A 166 -1.58 6.09 21.74
C PRO A 166 -2.94 5.86 22.39
N GLU A 167 -3.09 6.38 23.61
CA GLU A 167 -4.44 6.26 24.22
C GLU A 167 -5.57 6.96 23.38
N ASN A 168 -5.26 8.05 22.69
CA ASN A 168 -6.20 8.66 21.74
C ASN A 168 -6.48 7.80 20.50
N MET A 169 -5.45 7.16 19.90
CA MET A 169 -5.66 6.35 18.75
C MET A 169 -6.48 5.08 19.18
N LYS A 170 -6.19 4.51 20.37
CA LYS A 170 -6.98 3.32 20.85
C LYS A 170 -8.48 3.67 20.91
N LYS A 171 -8.80 4.86 21.46
CA LYS A 171 -10.21 5.25 21.52
C LYS A 171 -10.89 5.38 20.16
N GLU A 172 -10.20 5.97 19.16
CA GLU A 172 -10.69 6.06 17.78
C GLU A 172 -10.90 4.67 17.17
N LEU A 173 -10.00 3.76 17.46
CA LEU A 173 -10.07 2.47 16.86
C LEU A 173 -11.12 1.57 17.55
N GLN A 174 -11.33 1.84 18.81
CA GLN A 174 -12.44 1.13 19.53
C GLN A 174 -13.82 1.49 18.99
N SER A 175 -14.00 2.74 18.61
CA SER A 175 -15.25 3.13 17.94
C SER A 175 -15.43 2.54 16.48
N PHE A 176 -14.35 2.51 15.76
CA PHE A 176 -14.27 1.83 14.50
C PHE A 176 -14.51 0.33 14.54
N ALA A 177 -13.97 -0.33 15.59
CA ALA A 177 -14.23 -1.78 15.84
C ALA A 177 -15.74 -2.07 15.96
N GLN A 178 -16.49 -1.15 16.69
CA GLN A 178 -17.94 -1.25 16.82
C GLN A 178 -18.64 -1.14 15.48
N GLN A 179 -18.22 -0.19 14.66
CA GLN A 179 -18.69 -0.16 13.26
C GLN A 179 -18.42 -1.44 12.49
N LEU A 180 -17.21 -2.03 12.62
CA LEU A 180 -16.90 -3.27 11.87
C LEU A 180 -17.74 -4.50 12.29
N ASP A 181 -18.19 -4.45 13.55
CA ASP A 181 -19.06 -5.55 14.00
C ASP A 181 -20.44 -5.54 13.21
N GLN A 182 -20.92 -4.37 12.81
CA GLN A 182 -22.11 -4.18 11.96
C GLN A 182 -21.84 -4.43 10.49
N VAL A 183 -20.70 -3.91 10.00
CA VAL A 183 -20.35 -4.10 8.57
C VAL A 183 -20.01 -5.54 8.18
N TYR A 184 -19.29 -6.20 9.09
CA TYR A 184 -18.68 -7.56 8.85
C TYR A 184 -18.86 -8.50 10.11
N PRO A 185 -20.15 -8.93 10.30
CA PRO A 185 -20.50 -9.83 11.41
C PRO A 185 -19.91 -11.21 11.25
N ALA A 186 -19.55 -11.81 12.37
CA ALA A 186 -19.12 -13.23 12.36
C ALA A 186 -20.34 -14.13 12.50
N TYR A 187 -20.12 -15.44 12.39
CA TYR A 187 -21.25 -16.42 12.67
C TYR A 187 -21.73 -16.15 14.09
N ASP A 188 -20.82 -16.11 15.06
CA ASP A 188 -21.16 -15.90 16.43
C ASP A 188 -21.13 -14.53 17.01
N SER A 189 -20.98 -13.48 16.40
CA SER A 189 -21.18 -12.43 17.98
C SER A 189 -19.90 -11.92 18.69
N LYS A 190 -18.79 -12.62 18.47
CA LYS A 190 -17.42 -12.10 18.77
C LYS A 190 -17.27 -10.69 18.21
N LYS A 191 -16.83 -9.78 19.09
CA LYS A 191 -16.57 -8.39 18.75
C LYS A 191 -15.11 -8.14 18.40
N PHE A 192 -14.89 -7.23 17.47
CA PHE A 192 -13.51 -6.81 17.13
C PHE A 192 -12.84 -6.20 18.35
N SER A 193 -11.54 -6.50 18.54
CA SER A 193 -10.72 -5.92 19.63
C SER A 193 -9.62 -5.09 18.93
N VAL A 194 -8.97 -4.29 19.73
CA VAL A 194 -7.96 -3.28 19.30
C VAL A 194 -6.63 -3.60 20.01
N LYS A 195 -5.46 -3.67 19.31
CA LYS A 195 -4.17 -3.71 19.92
C LYS A 195 -3.27 -2.59 19.40
N ILE A 196 -2.72 -1.85 20.36
CA ILE A 196 -1.71 -0.85 20.05
C ILE A 196 -0.37 -1.57 20.16
N ALA A 197 0.35 -1.82 19.05
CA ALA A 197 1.54 -2.67 19.10
C ALA A 197 2.74 -2.15 19.87
N ALA A 198 3.09 -0.94 19.63
CA ALA A 198 4.22 -0.28 20.25
C ALA A 198 4.00 0.43 21.62
N LYS A 199 4.64 -0.13 22.68
CA LYS A 199 4.46 0.39 24.00
C LYS A 199 5.42 1.50 24.33
N GLU A 200 6.44 1.61 23.51
CA GLU A 200 7.36 2.79 23.55
C GLU A 200 8.02 2.92 22.15
N VAL A 201 8.94 3.89 21.97
CA VAL A 201 9.59 4.04 20.65
C VAL A 201 10.34 2.79 20.22
N ILE A 202 10.07 2.40 18.99
CA ILE A 202 10.74 1.21 18.34
C ILE A 202 11.94 1.60 17.46
N GLN A 203 11.70 2.55 16.54
CA GLN A 203 12.63 3.03 15.62
C GLN A 203 13.61 4.05 16.28
N ARG A 204 14.82 3.57 16.62
CA ARG A 204 15.92 4.33 17.24
C ARG A 204 17.13 4.21 16.28
N GLY A 205 17.94 5.19 16.31
CA GLY A 205 19.06 5.04 15.41
C GLY A 205 18.99 5.35 13.92
N SER A 206 17.84 5.83 13.47
CA SER A 206 17.69 6.25 12.10
C SER A 206 16.37 7.04 11.98
N GLY A 207 16.41 8.15 11.19
CA GLY A 207 15.18 8.83 10.79
C GLY A 207 14.40 8.29 9.65
N SER A 208 14.90 7.26 8.92
CA SER A 208 14.29 6.90 7.67
C SER A 208 13.94 5.43 7.54
N SER A 209 13.89 4.71 8.66
CA SER A 209 13.69 3.23 8.60
C SER A 209 12.22 2.73 8.81
N CYS A 210 11.25 3.67 8.83
CA CYS A 210 9.87 3.32 9.13
C CYS A 210 9.32 2.27 8.21
N GLY A 211 9.51 2.27 6.89
CA GLY A 211 8.84 1.26 5.97
C GLY A 211 9.38 -0.12 6.23
N ALA A 212 10.68 -0.19 6.46
CA ALA A 212 11.35 -1.47 6.86
C ALA A 212 10.82 -2.02 8.17
N TRP A 213 10.66 -1.15 9.17
CA TRP A 213 10.10 -1.58 10.48
C TRP A 213 8.68 -2.16 10.31
N CYS A 214 7.82 -1.51 9.52
CA CYS A 214 6.45 -1.95 9.25
C CYS A 214 6.46 -3.36 8.65
N CYS A 215 7.25 -3.59 7.66
CA CYS A 215 7.35 -4.93 7.01
C CYS A 215 7.93 -5.99 7.97
N GLN A 216 8.86 -5.59 8.81
CA GLN A 216 9.51 -6.61 9.79
C GLN A 216 8.41 -6.98 10.78
N PHE A 217 7.70 -5.95 11.29
CA PHE A 217 6.60 -6.24 12.27
C PHE A 217 5.50 -7.14 11.63
N LEU A 218 5.12 -6.81 10.41
CA LEU A 218 4.13 -7.62 9.68
C LEU A 218 4.62 -9.11 9.52
N HIS A 219 5.84 -9.32 9.16
CA HIS A 219 6.37 -10.68 9.08
C HIS A 219 6.35 -11.40 10.43
N TRP A 220 6.74 -10.71 11.50
CA TRP A 220 6.62 -11.33 12.87
C TRP A 220 5.18 -11.71 13.20
N TYR A 221 4.23 -10.83 12.85
CA TYR A 221 2.82 -11.06 13.10
C TYR A 221 2.31 -12.30 12.30
N LEU A 222 2.71 -12.46 11.06
CA LEU A 222 2.28 -13.55 10.16
C LEU A 222 2.77 -14.87 10.77
N LYS A 223 3.96 -14.84 11.30
CA LYS A 223 4.61 -16.07 12.00
C LYS A 223 3.93 -16.38 13.27
N ASP A 224 3.41 -15.42 13.94
CA ASP A 224 2.76 -15.53 15.26
C ASP A 224 1.91 -14.31 15.57
N PRO A 225 0.59 -14.44 15.56
CA PRO A 225 -0.32 -13.27 15.70
C PRO A 225 -0.38 -12.82 17.14
N LEU A 226 0.26 -13.57 18.10
CA LEU A 226 0.47 -13.10 19.49
C LEU A 226 1.87 -12.66 19.75
N THR A 227 2.64 -12.41 18.69
CA THR A 227 4.03 -12.08 18.87
C THR A 227 4.36 -11.03 19.92
N ASP A 228 5.40 -11.29 20.73
CA ASP A 228 5.89 -10.28 21.68
C ASP A 228 7.25 -9.72 21.25
N ALA A 229 7.60 -9.88 19.98
CA ALA A 229 8.96 -9.48 19.49
C ALA A 229 9.33 -8.02 19.69
N LEU A 230 8.31 -7.14 19.77
CA LEU A 230 8.62 -5.73 19.96
C LEU A 230 9.16 -5.45 21.36
N ASN A 231 8.84 -6.33 22.28
CA ASN A 231 9.23 -6.20 23.72
C ASN A 231 10.49 -7.00 24.02
N ASP A 232 11.16 -7.47 23.00
CA ASP A 232 12.39 -8.31 23.13
C ASP A 232 13.57 -7.83 22.23
N LEU A 233 13.58 -6.56 21.87
CA LEU A 233 14.54 -5.95 21.01
C LEU A 233 15.84 -5.54 21.77
N PRO A 234 16.97 -5.47 21.03
CA PRO A 234 18.18 -4.98 21.74
C PRO A 234 17.96 -3.58 22.30
N VAL A 235 18.54 -3.32 23.46
CA VAL A 235 18.46 -2.00 24.01
C VAL A 235 19.28 -0.96 23.25
N ASP A 236 20.49 -1.26 22.84
CA ASP A 236 21.28 -0.12 22.26
C ASP A 236 20.79 0.03 20.80
N SER A 237 20.77 1.28 20.36
CA SER A 237 20.12 1.58 19.11
C SER A 237 20.89 1.05 17.94
N VAL A 238 22.24 1.07 18.05
CA VAL A 238 23.11 0.60 16.88
C VAL A 238 23.02 -0.92 16.62
N GLU A 239 23.07 -1.75 17.66
CA GLU A 239 22.65 -3.17 17.44
C GLU A 239 21.14 -3.40 16.89
N ARG A 240 20.15 -2.69 17.44
CA ARG A 240 18.74 -2.92 17.01
C ARG A 240 18.65 -2.59 15.49
N HIS A 241 19.28 -1.45 15.11
CA HIS A 241 19.30 -1.04 13.70
C HIS A 241 20.03 -2.04 12.81
N GLU A 242 21.21 -2.58 13.22
CA GLU A 242 21.91 -3.70 12.50
C GLU A 242 21.07 -4.92 12.21
N ASN A 243 20.31 -5.38 13.24
CA ASN A 243 19.40 -6.53 13.03
C ASN A 243 18.33 -6.21 11.92
N LEU A 244 17.77 -4.98 11.96
CA LEU A 244 16.80 -4.64 10.92
C LEU A 244 17.50 -4.60 9.55
N ALA A 245 18.76 -4.09 9.53
CA ALA A 245 19.50 -4.19 8.25
C ALA A 245 19.66 -5.56 7.63
N SER A 246 19.81 -6.57 8.46
CA SER A 246 19.89 -7.95 8.01
CA SER A 246 19.91 -7.92 7.97
C SER A 246 18.59 -8.42 7.39
N PHE A 247 17.49 -8.06 8.07
CA PHE A 247 16.14 -8.34 7.48
C PHE A 247 15.96 -7.68 6.08
N VAL A 248 16.36 -6.37 5.99
CA VAL A 248 16.24 -5.64 4.74
C VAL A 248 17.03 -6.30 3.55
N GLN A 249 18.29 -6.72 3.84
CA GLN A 249 19.12 -7.42 2.86
C GLN A 249 18.48 -8.73 2.39
N ALA A 250 17.94 -9.51 3.35
CA ALA A 250 17.21 -10.73 2.95
C ALA A 250 15.91 -10.54 2.12
N ALA A 251 15.16 -9.52 2.49
CA ALA A 251 13.89 -9.20 1.79
C ALA A 251 14.20 -8.68 0.43
N GLU A 252 15.20 -7.79 0.30
CA GLU A 252 15.51 -7.26 -1.06
C GLU A 252 15.96 -8.41 -2.03
N ALA A 253 16.72 -9.38 -1.47
CA ALA A 253 17.18 -10.55 -2.28
C ALA A 253 15.99 -11.41 -2.68
N ALA A 254 15.08 -11.62 -1.78
CA ALA A 254 13.95 -12.46 -2.05
C ALA A 254 13.01 -11.87 -3.09
N VAL A 255 12.87 -10.53 -3.13
CA VAL A 255 11.86 -9.96 -4.10
C VAL A 255 12.51 -9.55 -5.47
N GLN A 256 13.82 -9.56 -5.51
CA GLN A 256 14.48 -8.86 -6.66
C GLN A 256 14.01 -9.36 -8.01
N ASP A 257 13.87 -10.70 -8.15
CA ASP A 257 13.48 -11.29 -9.39
C ASP A 257 11.98 -11.61 -9.52
N LEU A 258 11.16 -11.18 -8.54
CA LEU A 258 9.71 -11.44 -8.61
C LEU A 258 9.18 -10.34 -9.54
N PRO A 259 8.01 -10.56 -10.16
CA PRO A 259 7.43 -9.75 -11.21
C PRO A 259 7.18 -8.32 -10.77
N GLU A 260 7.56 -7.37 -11.62
CA GLU A 260 7.33 -5.91 -11.32
C GLU A 260 5.76 -5.55 -11.59
N LEU A 261 5.07 -4.80 -10.74
CA LEU A 261 3.66 -4.29 -10.90
C LEU A 261 2.74 -5.39 -11.34
N SER A 262 2.73 -6.51 -10.57
CA SER A 262 1.88 -7.69 -10.98
C SER A 262 1.45 -8.52 -9.79
N TRP A 263 0.16 -8.58 -9.51
CA TRP A 263 -0.26 -9.36 -8.34
C TRP A 263 0.00 -10.89 -8.60
N PRO A 264 0.36 -11.58 -7.51
CA PRO A 264 0.34 -13.06 -7.58
C PRO A 264 -1.05 -13.57 -7.63
N GLU A 265 -1.16 -14.85 -8.13
CA GLU A 265 -2.43 -15.56 -8.08
C GLU A 265 -2.93 -15.79 -6.63
N ALA A 266 -4.23 -15.62 -6.46
CA ALA A 266 -4.88 -15.83 -5.11
C ALA A 266 -4.51 -17.13 -4.44
N MET B 1 -6.34 11.58 -31.44
CA MET B 1 -7.49 11.12 -30.61
C MET B 1 -7.12 11.49 -29.23
N GLN B 2 -8.15 11.58 -28.39
CA GLN B 2 -7.98 11.87 -26.93
C GLN B 2 -7.87 10.55 -26.13
N ILE B 3 -6.96 10.52 -25.14
CA ILE B 3 -6.94 9.46 -24.08
C ILE B 3 -6.78 10.15 -22.70
N PHE B 4 -7.06 9.39 -21.63
CA PHE B 4 -7.09 9.91 -20.23
C PHE B 4 -6.00 9.19 -19.48
N VAL B 5 -5.35 9.89 -18.56
CA VAL B 5 -4.33 9.29 -17.68
C VAL B 5 -4.70 9.69 -16.23
N LYS B 6 -4.94 8.66 -15.39
CA LYS B 6 -5.32 8.86 -13.99
C LYS B 6 -4.04 8.94 -13.13
N THR B 7 -4.03 9.84 -12.16
CA THR B 7 -2.90 9.97 -11.25
C THR B 7 -3.31 9.58 -9.82
N LEU B 8 -2.33 9.62 -8.93
CA LEU B 8 -2.54 9.10 -7.53
C LEU B 8 -3.56 9.88 -6.79
N THR B 9 -3.77 11.15 -7.17
CA THR B 9 -4.77 11.97 -6.47
C THR B 9 -6.20 11.68 -6.94
N GLY B 10 -6.35 10.91 -8.03
CA GLY B 10 -7.62 10.72 -8.69
C GLY B 10 -7.94 11.69 -9.79
N LYS B 11 -7.23 12.80 -9.87
CA LYS B 11 -7.34 13.68 -10.99
C LYS B 11 -6.93 13.02 -12.32
N THR B 12 -7.65 13.38 -13.36
CA THR B 12 -7.45 12.83 -14.70
C THR B 12 -6.86 13.90 -15.60
N ILE B 13 -5.74 13.57 -16.25
CA ILE B 13 -5.13 14.39 -17.36
C ILE B 13 -5.65 13.96 -18.76
N THR B 14 -5.90 14.91 -19.66
CA THR B 14 -6.27 14.54 -21.05
C THR B 14 -5.11 14.76 -22.00
N LEU B 15 -4.79 13.74 -22.82
CA LEU B 15 -3.71 13.86 -23.80
C LEU B 15 -4.27 13.77 -25.23
N GLU B 16 -3.58 14.43 -26.18
CA GLU B 16 -3.87 14.23 -27.60
C GLU B 16 -2.74 13.36 -28.20
N VAL B 17 -3.11 12.20 -28.71
CA VAL B 17 -2.12 11.18 -29.17
C VAL B 17 -2.54 10.56 -30.52
N GLU B 18 -1.62 9.83 -31.19
CA GLU B 18 -1.97 8.95 -32.30
C GLU B 18 -1.64 7.52 -31.88
N PRO B 19 -2.25 6.49 -32.49
CA PRO B 19 -1.89 5.13 -32.15
C PRO B 19 -0.44 4.72 -32.40
N SER B 20 0.26 5.42 -33.33
CA SER B 20 1.63 5.10 -33.61
C SER B 20 2.60 5.76 -32.62
N ASP B 21 2.11 6.55 -31.64
CA ASP B 21 2.99 7.16 -30.70
C ASP B 21 3.69 6.12 -29.85
N THR B 22 4.99 6.31 -29.61
CA THR B 22 5.71 5.41 -28.67
C THR B 22 5.30 5.68 -27.21
N ILE B 23 5.51 4.71 -26.32
CA ILE B 23 5.25 4.95 -24.89
C ILE B 23 6.16 6.13 -24.36
N GLU B 24 7.40 6.21 -24.87
CA GLU B 24 8.31 7.34 -24.44
C GLU B 24 7.74 8.70 -24.88
N ASN B 25 7.11 8.74 -26.07
CA ASN B 25 6.48 9.98 -26.51
CA ASN B 25 6.44 9.97 -26.53
C ASN B 25 5.26 10.38 -25.60
N VAL B 26 4.49 9.38 -25.13
CA VAL B 26 3.38 9.63 -24.21
C VAL B 26 3.87 10.20 -22.90
N LYS B 27 4.99 9.65 -22.42
CA LYS B 27 5.58 10.08 -21.17
C LYS B 27 6.07 11.55 -21.31
N ALA B 28 6.55 11.90 -22.52
CA ALA B 28 6.87 13.33 -22.77
C ALA B 28 5.69 14.25 -22.79
N LYS B 29 4.56 13.78 -23.32
CA LYS B 29 3.34 14.56 -23.27
C LYS B 29 2.87 14.75 -21.81
N ILE B 30 3.04 13.74 -20.95
CA ILE B 30 2.68 13.89 -19.52
C ILE B 30 3.62 14.93 -18.87
N GLN B 31 4.88 14.90 -19.21
CA GLN B 31 5.85 15.86 -18.64
C GLN B 31 5.40 17.30 -19.01
N ASP B 32 4.98 17.51 -20.27
CA ASP B 32 4.49 18.86 -20.65
C ASP B 32 3.32 19.38 -19.82
N LYS B 33 2.48 18.49 -19.30
CA LYS B 33 1.28 18.88 -18.56
C LYS B 33 1.55 18.93 -17.07
N GLU B 34 2.37 18.00 -16.57
CA GLU B 34 2.59 17.83 -15.12
C GLU B 34 3.98 18.13 -14.57
N GLY B 35 4.96 18.35 -15.44
CA GLY B 35 6.32 18.59 -14.99
C GLY B 35 7.06 17.43 -14.37
N ILE B 36 6.63 16.22 -14.64
CA ILE B 36 7.30 14.98 -14.16
C ILE B 36 8.21 14.40 -15.24
N PRO B 37 9.51 14.23 -14.96
CA PRO B 37 10.39 13.63 -15.94
C PRO B 37 10.03 12.20 -16.29
N PRO B 38 10.13 11.86 -17.58
CA PRO B 38 9.83 10.55 -18.07
C PRO B 38 10.48 9.40 -17.28
N ASP B 39 11.73 9.55 -16.86
CA ASP B 39 12.40 8.49 -16.08
C ASP B 39 11.75 8.13 -14.75
N GLN B 40 10.88 8.98 -14.24
CA GLN B 40 10.16 8.80 -12.95
C GLN B 40 8.77 8.18 -13.17
N GLN B 41 8.36 8.07 -14.42
CA GLN B 41 6.99 7.54 -14.75
C GLN B 41 6.93 6.04 -15.11
N ARG B 42 5.89 5.32 -14.64
CA ARG B 42 5.52 4.05 -15.23
C ARG B 42 4.01 4.13 -15.57
N LEU B 43 3.61 3.55 -16.71
CA LEU B 43 2.24 3.57 -17.19
C LEU B 43 1.65 2.15 -17.22
N ILE B 44 0.36 2.03 -16.82
CA ILE B 44 -0.40 0.79 -16.79
C ILE B 44 -1.71 0.90 -17.64
N PHE B 45 -1.98 -0.15 -18.41
CA PHE B 45 -3.27 -0.33 -19.11
C PHE B 45 -3.71 -1.79 -19.12
N ALA B 46 -4.97 -2.05 -18.77
CA ALA B 46 -5.49 -3.42 -18.76
C ALA B 46 -4.64 -4.34 -17.88
N GLY B 47 -4.19 -3.83 -16.73
CA GLY B 47 -3.45 -4.67 -15.79
C GLY B 47 -1.99 -4.96 -16.10
N LYS B 48 -1.42 -4.33 -17.14
CA LYS B 48 -0.02 -4.57 -17.51
C LYS B 48 0.76 -3.25 -17.71
N GLN B 49 2.06 -3.28 -17.39
CA GLN B 49 2.94 -2.14 -17.65
C GLN B 49 3.19 -1.95 -19.12
N LEU B 50 3.14 -0.71 -19.61
CA LEU B 50 3.44 -0.35 -20.99
C LEU B 50 4.94 -0.09 -21.09
N GLU B 51 5.60 -0.74 -22.03
CA GLU B 51 7.08 -0.71 -22.09
C GLU B 51 7.62 0.26 -23.15
N ASP B 52 8.63 1.02 -22.76
CA ASP B 52 9.38 1.81 -23.67
C ASP B 52 9.86 0.93 -24.84
N GLY B 53 9.68 1.48 -26.02
CA GLY B 53 10.04 0.84 -27.22
C GLY B 53 8.86 0.33 -28.00
N ARG B 54 7.70 0.24 -27.35
CA ARG B 54 6.46 -0.16 -28.03
C ARG B 54 5.61 1.06 -28.38
N THR B 55 4.54 0.88 -29.15
CA THR B 55 3.57 1.92 -29.45
C THR B 55 2.19 1.75 -28.71
N LEU B 56 1.35 2.80 -28.62
CA LEU B 56 -0.03 2.64 -28.12
C LEU B 56 -0.82 1.47 -28.82
N SER B 57 -0.70 1.36 -30.16
CA SER B 57 -1.39 0.33 -30.89
C SER B 57 -0.94 -1.08 -30.57
N ASP B 58 0.27 -1.23 -30.06
CA ASP B 58 0.80 -2.57 -29.63
C ASP B 58 -0.02 -3.17 -28.47
N TYR B 59 -0.74 -2.31 -27.76
CA TYR B 59 -1.64 -2.64 -26.63
C TYR B 59 -3.18 -2.50 -26.95
N ASN B 60 -3.54 -2.23 -28.21
CA ASN B 60 -4.93 -2.02 -28.61
C ASN B 60 -5.63 -0.91 -27.76
N ILE B 61 -4.93 0.18 -27.49
CA ILE B 61 -5.50 1.34 -26.81
C ILE B 61 -6.34 2.14 -27.87
N GLN B 62 -7.52 2.55 -27.52
CA GLN B 62 -8.49 3.23 -28.44
C GLN B 62 -8.83 4.57 -27.94
N LYS B 63 -9.60 5.26 -28.78
CA LYS B 63 -10.12 6.58 -28.35
C LYS B 63 -10.81 6.55 -26.96
N GLU B 64 -10.44 7.49 -26.08
CA GLU B 64 -10.98 7.58 -24.75
C GLU B 64 -10.69 6.46 -23.79
N SER B 65 -9.69 5.63 -24.11
CA SER B 65 -9.12 4.70 -23.12
C SER B 65 -8.52 5.47 -21.91
N THR B 66 -8.51 4.83 -20.75
CA THR B 66 -7.86 5.36 -19.56
C THR B 66 -6.59 4.54 -19.18
N LEU B 67 -5.45 5.24 -19.10
CA LEU B 67 -4.15 4.70 -18.57
C LEU B 67 -3.99 5.15 -17.11
N HIS B 68 -3.11 4.48 -16.36
CA HIS B 68 -2.79 4.86 -14.98
C HIS B 68 -1.30 5.20 -14.88
N LEU B 69 -0.98 6.39 -14.31
CA LEU B 69 0.39 6.79 -14.06
C LEU B 69 0.73 6.40 -12.62
N VAL B 70 1.85 5.67 -12.46
CA VAL B 70 2.39 5.22 -11.18
C VAL B 70 3.72 5.93 -10.88
N LEU B 71 3.79 6.53 -9.71
CA LEU B 71 5.03 7.05 -9.18
C LEU B 71 5.50 6.28 -7.94
N ARG B 72 6.78 6.45 -7.65
CA ARG B 72 7.40 5.95 -6.43
C ARG B 72 7.30 6.97 -5.29
N LEU B 73 6.69 6.56 -4.19
CA LEU B 73 6.40 7.41 -3.05
C LEU B 73 7.27 6.94 -1.88
N ARG B 74 8.16 7.81 -1.40
CA ARG B 74 9.03 7.52 -0.25
C ARG B 74 8.37 7.86 1.07
N GLY B 75 8.87 7.26 2.17
CA GLY B 75 8.42 7.68 3.48
C GLY B 75 9.45 7.29 4.52
CL CL C . -5.66 -13.13 -0.25
C2 AYE D . 9.90 6.97 7.98
C3 AYE D . 10.09 7.54 9.20
C1 AYE D . 10.51 7.63 6.77
N1 AYE D . 9.52 7.93 5.73
#